data_2FW4
#
_entry.id   2FW4
#
_cell.length_a   62.138
_cell.length_b   70.182
_cell.length_c   120.573
_cell.angle_alpha   90.00
_cell.angle_beta   90.00
_cell.angle_gamma   90.00
#
_symmetry.space_group_name_H-M   'P 21 21 21'
#
loop_
_entity.id
_entity.type
_entity.pdbx_description
1 polymer 'Carbonic anhydrase 1'
2 non-polymer 'ZINC ION'
3 non-polymer HISTIDINE
4 water water
#
_entity_poly.entity_id   1
_entity_poly.type   'polypeptide(L)'
_entity_poly.pdbx_seq_one_letter_code
;ASPDWGYDDKNGPEQWSKLYPIANGNNQSPVDIKTSETKHDTSLKPISVSYNPATAKEIINVGHSFHVNFEDNDNRSVLK
GGPFSDSYRLFQFHFHWGSTNEHGSEHTVDGVKYSAELHVAHWNSAKYSSLAEAASKADGLAVIGVLMKVGEANPKLQKV
LDALQAIKTKGKRAPFTNFDPSTLLPSSLDFWTYPGSLTHPPLYESVTWIICKESISVSSEQLAQFRSLLSNVEGDNAVP
MQHNNRPTQPLKGRTVRASF
;
_entity_poly.pdbx_strand_id   A,B
#
# COMPACT_ATOMS: atom_id res chain seq x y z
N ASP A 4 8.05 28.71 -22.60
CA ASP A 4 9.20 28.03 -21.95
C ASP A 4 8.83 26.76 -21.17
N TRP A 5 7.90 26.99 -20.20
CA TRP A 5 7.42 26.18 -19.02
C TRP A 5 7.38 27.10 -17.76
N GLY A 6 6.36 26.92 -16.95
CA GLY A 6 6.23 27.65 -15.73
C GLY A 6 5.10 27.14 -14.89
N TYR A 7 4.59 28.04 -14.07
CA TYR A 7 3.46 27.66 -13.25
C TYR A 7 2.16 28.35 -13.65
N ASP A 8 2.14 29.02 -14.81
CA ASP A 8 0.93 29.62 -15.41
C ASP A 8 -0.07 28.49 -15.50
N ASP A 9 -1.19 28.72 -16.13
CA ASP A 9 -2.06 27.59 -16.37
C ASP A 9 -1.88 27.22 -17.84
N LYS A 10 -1.33 28.18 -18.59
CA LYS A 10 -0.88 28.03 -19.98
C LYS A 10 0.26 27.03 -20.10
N ASN A 11 1.24 27.16 -19.21
CA ASN A 11 2.55 26.50 -19.25
C ASN A 11 2.94 25.75 -17.95
N GLY A 12 1.97 25.50 -17.06
CA GLY A 12 2.18 24.82 -15.76
C GLY A 12 2.30 23.31 -15.76
N PRO A 13 2.36 22.66 -14.57
CA PRO A 13 2.66 21.26 -14.38
C PRO A 13 1.86 20.28 -15.23
N GLU A 14 0.58 20.57 -15.45
CA GLU A 14 -0.31 19.67 -16.22
C GLU A 14 0.03 19.84 -17.69
N GLN A 15 0.89 20.80 -17.97
CA GLN A 15 1.32 21.17 -19.31
C GLN A 15 2.62 20.53 -19.70
N TRP A 16 3.38 20.14 -18.68
CA TRP A 16 4.80 19.87 -18.80
C TRP A 16 5.13 18.67 -19.67
N SER A 17 4.26 17.65 -19.67
CA SER A 17 4.54 16.39 -20.35
C SER A 17 4.64 16.51 -21.88
N LYS A 18 4.18 17.63 -22.42
CA LYS A 18 4.24 17.82 -23.88
C LYS A 18 5.68 17.98 -24.29
N LEU A 19 6.40 18.82 -23.56
CA LEU A 19 7.84 19.01 -23.82
C LEU A 19 8.69 18.00 -23.05
N TYR A 20 8.23 17.57 -21.86
CA TYR A 20 8.96 16.61 -21.01
C TYR A 20 8.09 15.37 -20.66
N PRO A 21 8.03 14.42 -21.59
CA PRO A 21 7.27 13.18 -21.42
C PRO A 21 7.58 12.50 -20.10
N ILE A 22 8.72 12.85 -19.50
CA ILE A 22 9.19 12.18 -18.26
C ILE A 22 8.29 12.59 -17.14
N ALA A 23 7.57 13.68 -17.37
CA ALA A 23 6.58 14.17 -16.43
C ALA A 23 5.68 13.04 -16.01
N ASN A 24 5.43 12.08 -16.88
CA ASN A 24 4.57 10.95 -16.52
C ASN A 24 5.40 9.69 -16.39
N GLY A 25 6.63 9.80 -15.87
CA GLY A 25 7.44 8.62 -15.63
C GLY A 25 7.17 7.88 -14.33
N ASN A 26 8.04 6.93 -14.01
CA ASN A 26 7.87 6.02 -12.89
C ASN A 26 8.58 6.42 -11.64
N ASN A 27 9.47 7.43 -11.75
CA ASN A 27 10.17 7.90 -10.61
C ASN A 27 9.94 9.38 -10.42
N GLN A 28 8.71 9.85 -10.58
CA GLN A 28 8.46 11.30 -10.43
C GLN A 28 8.34 11.87 -8.98
N SER A 29 8.65 13.17 -8.85
CA SER A 29 8.53 13.95 -7.60
C SER A 29 7.70 15.23 -7.71
N PRO A 30 7.09 15.69 -6.58
CA PRO A 30 7.05 15.18 -5.24
C PRO A 30 6.08 13.97 -5.03
N VAL A 31 6.17 13.32 -3.86
CA VAL A 31 5.21 12.29 -3.47
C VAL A 31 4.44 12.65 -2.19
N ASP A 32 3.28 12.01 -1.99
CA ASP A 32 2.69 11.89 -0.68
C ASP A 32 3.35 10.76 0.03
N ILE A 33 3.83 11.01 1.25
CA ILE A 33 4.41 9.99 2.06
C ILE A 33 3.31 9.42 2.97
N LYS A 34 2.97 8.15 2.77
CA LYS A 34 2.06 7.47 3.70
C LYS A 34 2.82 6.68 4.76
N THR A 35 2.74 7.15 6.01
CA THR A 35 3.51 6.64 7.13
C THR A 35 3.19 5.18 7.51
N SER A 36 1.99 4.71 7.17
CA SER A 36 1.66 3.27 7.36
C SER A 36 2.18 2.42 6.17
N GLU A 37 2.63 3.06 5.08
CA GLU A 37 3.19 2.32 3.93
C GLU A 37 4.76 2.33 3.80
N THR A 38 5.44 3.01 4.74
CA THR A 38 6.88 3.21 4.71
C THR A 38 7.58 2.06 5.45
N LYS A 39 8.68 1.56 4.87
CA LYS A 39 9.42 0.45 5.46
C LYS A 39 10.57 1.02 6.31
N HIS A 40 10.57 0.76 7.62
CA HIS A 40 11.72 1.17 8.41
C HIS A 40 12.97 0.35 8.05
N ASP A 41 13.92 0.98 7.35
CA ASP A 41 15.22 0.40 7.01
C ASP A 41 16.31 0.70 8.06
N THR A 42 16.70 -0.36 8.80
CA THR A 42 17.72 -0.27 9.87
C THR A 42 19.14 -0.06 9.30
N SER A 43 19.34 -0.27 8.01
CA SER A 43 20.67 -0.11 7.41
C SER A 43 21.03 1.36 7.03
N LEU A 44 20.02 2.26 7.09
CA LEU A 44 20.24 3.67 6.84
C LEU A 44 21.12 4.26 7.94
N LYS A 45 22.22 4.88 7.56
CA LYS A 45 23.03 5.62 8.52
C LYS A 45 22.40 7.00 8.79
N PRO A 46 22.86 7.70 9.84
CA PRO A 46 22.37 9.04 10.06
C PRO A 46 22.87 9.99 8.97
N ILE A 47 22.12 11.09 8.78
CA ILE A 47 22.47 12.15 7.83
C ILE A 47 23.60 12.98 8.39
N SER A 48 24.68 13.10 7.63
CA SER A 48 25.75 14.01 8.05
C SER A 48 25.86 15.14 7.04
N VAL A 49 25.68 16.38 7.49
CA VAL A 49 26.00 17.57 6.65
C VAL A 49 27.15 18.42 7.18
N SER A 50 28.05 18.77 6.29
CA SER A 50 29.14 19.64 6.68
C SER A 50 29.43 20.68 5.58
N TYR A 51 28.91 21.88 5.80
CA TYR A 51 28.98 22.98 4.85
C TYR A 51 29.91 24.04 5.39
N ASN A 52 30.59 24.74 4.50
CA ASN A 52 31.53 25.80 4.80
C ASN A 52 30.81 27.08 4.41
N PRO A 53 30.61 28.01 5.38
CA PRO A 53 29.87 29.20 5.03
C PRO A 53 30.45 30.02 3.85
N ALA A 54 31.78 29.98 3.67
CA ALA A 54 32.51 30.60 2.55
C ALA A 54 32.15 30.09 1.12
N THR A 55 31.44 28.97 1.02
CA THR A 55 31.09 28.42 -0.29
C THR A 55 29.84 29.17 -0.75
N ALA A 56 29.18 29.91 0.15
CA ALA A 56 28.02 30.72 -0.29
C ALA A 56 28.48 31.72 -1.33
N LYS A 57 27.70 31.83 -2.44
CA LYS A 57 28.08 32.58 -3.66
C LYS A 57 27.13 33.75 -4.10
N GLU A 58 25.87 33.42 -4.42
CA GLU A 58 25.01 34.33 -5.15
C GLU A 58 23.57 33.94 -4.91
N ILE A 59 22.67 34.95 -4.99
CA ILE A 59 21.24 34.73 -5.00
C ILE A 59 20.64 35.26 -6.33
N ILE A 60 19.76 34.50 -6.97
CA ILE A 60 19.31 34.86 -8.33
C ILE A 60 17.84 34.68 -8.45
N ASN A 61 17.18 35.62 -9.11
CA ASN A 61 15.75 35.55 -9.33
C ASN A 61 15.66 34.82 -10.68
N VAL A 62 15.15 33.59 -10.62
CA VAL A 62 15.14 32.74 -11.83
C VAL A 62 13.80 32.74 -12.54
N GLY A 63 12.97 33.70 -12.20
CA GLY A 63 11.72 33.80 -12.92
C GLY A 63 10.56 33.11 -12.24
N HIS A 64 10.74 31.82 -11.94
CA HIS A 64 9.71 31.03 -11.27
C HIS A 64 10.07 30.78 -9.83
N SER A 65 11.24 31.27 -9.43
CA SER A 65 11.74 31.05 -8.06
C SER A 65 12.95 31.92 -7.94
N PHE A 66 13.74 31.62 -6.91
CA PHE A 66 15.07 32.24 -6.74
C PHE A 66 15.94 31.14 -6.16
N HIS A 67 17.21 31.18 -6.52
CA HIS A 67 18.18 30.19 -6.09
C HIS A 67 19.35 30.75 -5.27
N VAL A 68 19.75 30.03 -4.24
CA VAL A 68 21.00 30.43 -3.54
C VAL A 68 22.03 29.40 -3.90
N ASN A 69 23.01 29.88 -4.66
CA ASN A 69 24.07 29.06 -5.17
C ASN A 69 25.33 29.14 -4.33
N PHE A 70 26.07 28.02 -4.40
CA PHE A 70 27.34 27.81 -3.66
C PHE A 70 28.44 27.38 -4.60
N GLU A 71 29.64 27.89 -4.32
CA GLU A 71 30.84 27.40 -4.83
C GLU A 71 30.87 25.87 -4.72
N ASP A 72 30.94 25.23 -5.89
CA ASP A 72 31.05 23.74 -5.98
C ASP A 72 32.35 23.20 -6.68
N ASN A 73 33.46 23.93 -6.59
CA ASN A 73 34.76 23.44 -7.13
C ASN A 73 35.46 22.39 -6.28
N ASP A 74 35.19 22.38 -4.99
CA ASP A 74 35.77 21.32 -4.14
C ASP A 74 34.74 20.82 -3.15
N ASN A 75 35.17 19.94 -2.27
CA ASN A 75 34.33 19.36 -1.25
C ASN A 75 34.25 20.04 0.10
N ARG A 76 34.45 21.34 0.14
CA ARG A 76 34.29 22.10 1.39
C ARG A 76 32.92 21.96 2.06
N SER A 77 31.87 21.85 1.25
CA SER A 77 30.50 21.64 1.74
C SER A 77 29.91 20.30 1.24
N VAL A 78 29.67 19.38 2.16
CA VAL A 78 29.22 18.06 1.74
C VAL A 78 28.07 17.45 2.56
N LEU A 79 27.27 16.64 1.88
CA LEU A 79 26.28 15.72 2.48
C LEU A 79 26.81 14.25 2.47
N LYS A 80 26.72 13.55 3.58
CA LYS A 80 27.13 12.15 3.57
C LYS A 80 26.22 11.36 4.54
N GLY A 81 26.36 10.03 4.59
CA GLY A 81 25.54 9.22 5.48
C GLY A 81 24.22 8.89 4.82
N GLY A 82 23.24 8.61 5.64
CA GLY A 82 21.92 8.21 5.17
C GLY A 82 22.05 6.96 4.35
N PRO A 83 21.44 7.00 3.14
CA PRO A 83 21.39 5.97 2.10
C PRO A 83 22.63 5.91 1.19
N PHE A 84 23.61 6.79 1.45
CA PHE A 84 24.65 7.06 0.47
C PHE A 84 26.00 6.44 0.85
N SER A 85 26.70 5.89 -0.13
CA SER A 85 28.11 5.58 0.03
C SER A 85 28.97 6.79 -0.38
N ASP A 86 28.53 7.47 -1.42
CA ASP A 86 29.26 8.58 -2.00
C ASP A 86 29.06 9.88 -1.20
N SER A 87 30.06 10.75 -1.20
CA SER A 87 29.89 12.10 -0.60
C SER A 87 29.23 12.96 -1.67
N TYR A 88 28.31 13.85 -1.24
CA TYR A 88 27.58 14.68 -2.18
C TYR A 88 27.90 16.11 -1.89
N ARG A 89 28.02 16.90 -2.94
CA ARG A 89 28.55 18.23 -2.87
C ARG A 89 27.41 19.26 -3.06
N LEU A 90 27.20 20.12 -2.05
CA LEU A 90 26.20 21.20 -2.03
C LEU A 90 26.41 22.07 -3.23
N PHE A 91 25.35 22.40 -3.95
CA PHE A 91 25.51 23.44 -4.96
C PHE A 91 24.47 24.52 -4.87
N GLN A 92 23.44 24.30 -4.08
CA GLN A 92 22.26 25.21 -4.06
C GLN A 92 21.22 24.93 -3.04
N PHE A 93 20.45 25.96 -2.70
CA PHE A 93 19.20 25.74 -1.98
C PHE A 93 18.21 26.74 -2.52
N HIS A 94 16.95 26.33 -2.50
CA HIS A 94 15.85 27.17 -2.92
C HIS A 94 14.56 26.73 -2.23
N PHE A 95 13.48 27.48 -2.44
CA PHE A 95 12.21 27.11 -1.74
C PHE A 95 11.16 26.89 -2.81
N HIS A 96 10.08 26.23 -2.39
CA HIS A 96 8.79 26.22 -3.09
C HIS A 96 7.72 26.73 -2.05
N TRP A 97 6.68 27.36 -2.58
CA TRP A 97 5.57 27.94 -1.84
C TRP A 97 4.33 27.88 -2.73
N GLY A 98 3.15 28.10 -2.17
CA GLY A 98 1.93 28.11 -2.98
C GLY A 98 1.17 29.44 -2.83
N SER A 99 -0.07 29.49 -3.36
CA SER A 99 -0.88 30.73 -3.38
C SER A 99 -1.33 31.13 -1.99
N THR A 100 -1.72 30.11 -1.21
CA THR A 100 -2.33 30.30 0.10
C THR A 100 -1.44 29.52 1.08
N ASN A 101 -1.47 29.91 2.36
CA ASN A 101 -0.86 29.12 3.44
C ASN A 101 -1.25 27.63 3.48
N GLU A 102 -2.45 27.28 3.01
CA GLU A 102 -2.94 25.88 3.04
C GLU A 102 -2.08 24.87 2.24
N HIS A 103 -1.50 25.26 1.11
CA HIS A 103 -0.71 24.32 0.30
C HIS A 103 0.34 24.99 -0.54
N GLY A 104 1.50 25.17 0.05
CA GLY A 104 2.72 25.54 -0.67
C GLY A 104 3.79 24.45 -0.79
N SER A 105 3.71 23.40 0.02
CA SER A 105 4.73 22.33 -0.02
C SER A 105 4.60 21.51 -1.31
N GLU A 106 5.67 20.76 -1.59
CA GLU A 106 5.61 19.84 -2.69
C GLU A 106 5.29 18.45 -2.19
N HIS A 107 6.13 18.00 -1.25
CA HIS A 107 5.91 16.67 -0.65
C HIS A 107 4.73 16.87 0.35
N THR A 108 3.91 15.82 0.50
CA THR A 108 2.90 15.81 1.55
C THR A 108 3.15 14.60 2.42
N VAL A 109 2.67 14.66 3.68
CA VAL A 109 2.73 13.52 4.58
C VAL A 109 1.32 13.10 5.02
N ASP A 110 0.95 11.89 4.68
CA ASP A 110 -0.42 11.44 4.92
C ASP A 110 -1.49 12.44 4.48
N GLY A 111 -1.34 13.02 3.29
CA GLY A 111 -2.33 14.00 2.79
C GLY A 111 -2.15 15.44 3.25
N VAL A 112 -1.41 15.65 4.32
CA VAL A 112 -1.26 16.99 4.90
C VAL A 112 -0.34 17.84 4.08
N LYS A 113 -0.82 19.01 3.69
CA LYS A 113 -0.14 20.01 2.85
C LYS A 113 0.44 21.13 3.75
N TYR A 114 1.73 21.37 3.65
CA TYR A 114 2.40 22.40 4.44
C TYR A 114 2.49 23.70 3.67
N SER A 115 3.16 24.68 4.21
CA SER A 115 3.05 26.02 3.60
C SER A 115 4.11 26.34 2.52
N ALA A 116 5.21 25.60 2.55
CA ALA A 116 6.34 25.79 1.67
C ALA A 116 7.30 24.63 1.87
N GLU A 117 8.36 24.58 1.09
CA GLU A 117 9.32 23.51 1.24
C GLU A 117 10.71 24.00 0.92
N LEU A 118 11.70 23.67 1.76
CA LEU A 118 13.16 23.97 1.48
C LEU A 118 13.78 22.79 0.77
N HIS A 119 14.34 23.03 -0.42
CA HIS A 119 15.20 22.08 -1.09
C HIS A 119 16.65 22.48 -0.99
N VAL A 120 17.45 21.59 -0.39
CA VAL A 120 18.91 21.76 -0.32
C VAL A 120 19.61 20.72 -1.19
N ALA A 121 20.23 21.17 -2.27
CA ALA A 121 20.60 20.34 -3.43
C ALA A 121 22.11 20.07 -3.58
N HIS A 122 22.43 18.82 -3.91
CA HIS A 122 23.83 18.35 -3.89
C HIS A 122 24.01 17.47 -5.11
N TRP A 123 25.24 17.35 -5.63
CA TRP A 123 25.56 16.39 -6.69
C TRP A 123 26.69 15.44 -6.33
N ASN A 124 26.65 14.28 -6.94
CA ASN A 124 27.60 13.18 -6.72
C ASN A 124 28.95 13.52 -7.32
N SER A 125 29.77 14.19 -6.49
CA SER A 125 31.18 14.49 -6.81
C SER A 125 32.14 13.27 -6.74
N ALA A 126 31.69 12.10 -6.29
CA ALA A 126 32.56 10.90 -6.28
C ALA A 126 32.61 10.24 -7.63
N LYS A 127 31.47 10.23 -8.34
CA LYS A 127 31.30 9.62 -9.63
C LYS A 127 31.39 10.58 -10.82
N TYR A 128 30.92 11.83 -10.65
CA TYR A 128 30.85 12.77 -11.78
C TYR A 128 31.74 13.96 -11.49
N SER A 129 31.98 14.77 -12.52
CA SER A 129 33.00 15.84 -12.46
C SER A 129 32.33 17.16 -12.37
N SER A 130 31.01 17.17 -12.56
CA SER A 130 30.24 18.40 -12.52
C SER A 130 28.77 18.17 -12.33
N LEU A 131 28.05 19.27 -12.08
CA LEU A 131 26.60 19.24 -11.91
C LEU A 131 25.87 18.88 -13.20
N ALA A 132 26.22 19.55 -14.28
CA ALA A 132 25.75 19.18 -15.63
C ALA A 132 25.84 17.70 -15.95
N GLU A 133 26.99 17.07 -15.70
CA GLU A 133 27.09 15.59 -15.87
C GLU A 133 26.24 14.79 -14.85
N ALA A 134 26.26 15.21 -13.59
CA ALA A 134 25.52 14.48 -12.54
C ALA A 134 23.99 14.56 -12.71
N ALA A 135 23.49 15.74 -13.12
CA ALA A 135 22.06 16.08 -13.16
C ALA A 135 21.11 15.09 -13.83
N SER A 136 21.66 14.22 -14.70
CA SER A 136 20.80 13.32 -15.51
C SER A 136 21.03 11.87 -15.15
N LYS A 137 21.84 11.61 -14.13
CA LYS A 137 22.17 10.25 -13.70
C LYS A 137 21.38 9.84 -12.48
N ALA A 138 20.98 8.56 -12.47
CA ALA A 138 20.08 8.04 -11.45
C ALA A 138 20.60 8.36 -10.06
N ASP A 139 21.92 8.23 -9.91
CA ASP A 139 22.60 8.50 -8.65
C ASP A 139 23.35 9.85 -8.58
N GLY A 140 23.03 10.80 -9.46
CA GLY A 140 23.71 12.11 -9.59
C GLY A 140 23.43 13.21 -8.55
N LEU A 141 22.17 13.31 -8.09
CA LEU A 141 21.73 14.34 -7.16
C LEU A 141 21.12 13.80 -5.88
N ALA A 142 21.40 14.50 -4.79
CA ALA A 142 20.77 14.38 -3.46
C ALA A 142 20.21 15.76 -3.05
N VAL A 143 18.95 15.73 -2.59
CA VAL A 143 18.18 16.89 -2.15
C VAL A 143 17.51 16.53 -0.82
N ILE A 144 17.86 17.29 0.19
CA ILE A 144 17.13 17.32 1.46
C ILE A 144 15.90 18.24 1.25
N GLY A 145 14.70 17.68 1.47
CA GLY A 145 13.47 18.44 1.51
C GLY A 145 13.07 18.65 2.96
N VAL A 146 12.69 19.90 3.31
CA VAL A 146 12.28 20.26 4.69
C VAL A 146 10.91 20.94 4.58
N LEU A 147 9.88 20.27 5.11
CA LEU A 147 8.53 20.84 5.22
C LEU A 147 8.51 22.12 6.09
N MET A 148 7.94 23.19 5.55
CA MET A 148 7.83 24.44 6.32
C MET A 148 6.37 24.66 6.70
N LYS A 149 6.15 24.72 8.01
CA LYS A 149 4.85 24.80 8.62
C LYS A 149 4.62 26.21 9.08
N VAL A 150 3.53 26.81 8.66
CA VAL A 150 3.24 28.24 8.98
C VAL A 150 2.91 28.44 10.50
N GLY A 151 3.52 29.43 11.12
CA GLY A 151 3.40 29.69 12.54
C GLY A 151 4.22 30.94 12.84
N GLU A 152 5.15 30.76 13.78
CA GLU A 152 5.96 31.82 14.27
C GLU A 152 7.01 32.09 13.22
N ALA A 153 7.50 33.33 13.23
CA ALA A 153 8.56 33.72 12.29
C ALA A 153 9.79 32.92 12.61
N ASN A 154 10.48 32.54 11.55
CA ASN A 154 11.71 31.84 11.65
C ASN A 154 12.93 32.79 11.46
N PRO A 155 13.66 33.09 12.56
CA PRO A 155 14.87 33.94 12.55
C PRO A 155 15.97 33.48 11.57
N LYS A 156 16.13 32.17 11.41
CA LYS A 156 17.18 31.67 10.51
C LYS A 156 17.00 32.09 9.07
N LEU A 157 15.78 32.46 8.67
CA LEU A 157 15.50 32.93 7.32
C LEU A 157 15.98 34.34 6.99
N GLN A 158 16.47 35.06 8.00
CA GLN A 158 16.52 36.49 7.93
C GLN A 158 17.39 36.88 6.79
N LYS A 159 18.63 36.37 6.78
CA LYS A 159 19.56 36.79 5.76
C LYS A 159 18.94 36.61 4.39
N VAL A 160 18.31 35.47 4.13
CA VAL A 160 17.69 35.14 2.84
C VAL A 160 16.60 36.12 2.48
N LEU A 161 15.72 36.40 3.43
CA LEU A 161 14.61 37.31 3.15
C LEU A 161 15.11 38.74 2.95
N ASP A 162 16.14 39.13 3.69
CA ASP A 162 16.61 40.48 3.58
C ASP A 162 17.15 40.79 2.19
N ALA A 163 17.53 39.71 1.46
CA ALA A 163 18.28 39.79 0.20
C ALA A 163 17.35 39.87 -0.98
N LEU A 164 16.10 39.44 -0.79
CA LEU A 164 15.11 39.53 -1.87
C LEU A 164 14.85 40.93 -2.56
N GLN A 165 14.84 42.02 -1.80
CA GLN A 165 14.77 43.35 -2.37
C GLN A 165 15.84 43.65 -3.45
N ALA A 166 16.99 42.95 -3.45
CA ALA A 166 18.06 43.09 -4.49
C ALA A 166 17.87 42.39 -5.80
N ILE A 167 16.90 41.49 -5.84
CA ILE A 167 16.80 40.59 -6.94
C ILE A 167 15.30 40.46 -7.16
N LYS A 168 14.65 41.59 -7.17
CA LYS A 168 13.19 41.63 -7.22
C LYS A 168 12.61 41.13 -8.52
N THR A 169 13.28 41.43 -9.64
CA THR A 169 12.74 41.04 -11.00
C THR A 169 13.63 39.97 -11.63
N LYS A 170 13.04 39.18 -12.53
CA LYS A 170 13.72 38.13 -13.25
C LYS A 170 15.09 38.47 -13.86
N GLY A 171 16.08 37.61 -13.53
CA GLY A 171 17.48 37.78 -13.99
C GLY A 171 18.36 38.50 -12.99
N LYS A 172 17.72 39.17 -12.02
CA LYS A 172 18.50 40.00 -11.15
C LYS A 172 19.31 39.05 -10.25
N ARG A 173 20.57 39.39 -9.90
CA ARG A 173 21.36 38.53 -8.96
C ARG A 173 22.22 39.42 -8.12
N ALA A 174 22.80 38.84 -7.08
CA ALA A 174 23.62 39.60 -6.19
C ALA A 174 24.52 38.68 -5.33
N PRO A 175 25.72 39.17 -4.85
CA PRO A 175 26.51 38.22 -4.06
C PRO A 175 25.67 37.83 -2.84
N PHE A 176 25.89 36.63 -2.35
CA PHE A 176 25.24 36.14 -1.15
C PHE A 176 26.25 35.17 -0.56
N THR A 177 26.93 35.67 0.48
CA THR A 177 28.15 35.05 0.99
C THR A 177 28.09 34.82 2.50
N ASN A 178 29.05 34.01 2.96
CA ASN A 178 29.21 33.75 4.39
C ASN A 178 27.90 33.22 5.03
N PHE A 179 27.36 32.13 4.52
CA PHE A 179 26.12 31.62 5.11
C PHE A 179 26.18 30.10 5.02
N ASP A 180 25.81 29.45 6.13
CA ASP A 180 25.84 28.03 6.21
C ASP A 180 24.40 27.51 6.29
N PRO A 181 23.89 26.86 5.20
CA PRO A 181 22.46 26.57 5.23
C PRO A 181 22.08 25.37 6.05
N SER A 182 23.03 24.75 6.75
CA SER A 182 22.65 23.71 7.68
C SER A 182 21.92 24.33 8.86
N THR A 183 22.03 25.65 8.99
CA THR A 183 21.29 26.41 10.04
C THR A 183 19.81 26.52 9.71
N LEU A 184 19.39 26.09 8.52
CA LEU A 184 17.97 26.12 8.12
C LEU A 184 17.25 24.78 8.40
N LEU A 185 18.03 23.74 8.63
CA LEU A 185 17.52 22.39 8.83
C LEU A 185 17.00 22.15 10.27
N PRO A 186 15.98 21.27 10.40
CA PRO A 186 15.31 21.12 11.69
C PRO A 186 16.32 20.38 12.57
N SER A 187 16.13 20.37 13.87
CA SER A 187 17.18 19.93 14.76
C SER A 187 17.27 18.35 14.87
N SER A 188 16.19 17.68 14.46
CA SER A 188 16.17 16.25 14.25
C SER A 188 16.52 16.00 12.83
N LEU A 189 17.30 14.96 12.60
CA LEU A 189 17.66 14.60 11.23
C LEU A 189 16.98 13.31 10.72
N ASP A 190 15.99 12.83 11.46
CA ASP A 190 15.22 11.67 11.02
C ASP A 190 14.61 11.98 9.67
N PHE A 191 14.64 10.98 8.79
CA PHE A 191 14.21 11.23 7.43
C PHE A 191 13.53 10.03 6.75
N TRP A 192 12.74 10.35 5.72
CA TRP A 192 12.30 9.36 4.73
C TRP A 192 13.18 9.48 3.46
N THR A 193 13.49 8.34 2.81
CA THR A 193 14.07 8.37 1.48
C THR A 193 13.29 7.71 0.37
N TYR A 194 13.50 8.22 -0.82
CA TYR A 194 12.95 7.50 -1.97
C TYR A 194 13.67 8.00 -3.25
N PRO A 195 13.69 7.19 -4.31
CA PRO A 195 14.09 7.65 -5.64
C PRO A 195 13.04 8.47 -6.38
N GLY A 196 13.45 9.62 -6.88
CA GLY A 196 12.54 10.41 -7.64
C GLY A 196 13.33 11.35 -8.52
N SER A 197 12.85 12.58 -8.64
CA SER A 197 13.18 13.41 -9.76
C SER A 197 13.31 14.83 -9.30
N LEU A 198 13.84 15.68 -10.17
CA LEU A 198 13.61 17.12 -10.13
C LEU A 198 12.10 17.40 -10.12
N THR A 199 11.66 18.37 -9.33
CA THR A 199 10.22 18.68 -9.31
C THR A 199 9.73 19.69 -10.35
N HIS A 200 10.64 20.19 -11.21
CA HIS A 200 10.24 21.01 -12.36
C HIS A 200 11.13 20.65 -13.52
N PRO A 201 10.68 20.98 -14.76
CA PRO A 201 11.49 20.77 -15.96
C PRO A 201 12.92 21.17 -15.72
N PRO A 202 13.88 20.31 -16.12
CA PRO A 202 13.71 19.05 -16.92
C PRO A 202 13.28 17.73 -16.24
N LEU A 203 12.95 17.72 -14.95
CA LEU A 203 12.23 16.61 -14.32
C LEU A 203 12.98 15.26 -14.34
N TYR A 204 14.30 15.36 -14.54
CA TYR A 204 15.21 14.20 -14.57
C TYR A 204 15.00 13.39 -13.28
N GLU A 205 15.00 12.08 -13.42
CA GLU A 205 14.82 11.13 -12.36
C GLU A 205 16.20 10.78 -11.85
N SER A 206 16.82 11.78 -11.20
CA SER A 206 18.24 11.81 -10.76
C SER A 206 18.46 12.02 -9.32
N VAL A 207 17.35 12.10 -8.60
CA VAL A 207 17.31 12.58 -7.21
C VAL A 207 16.94 11.48 -6.26
N THR A 208 17.82 11.28 -5.28
CA THR A 208 17.51 10.56 -4.09
C THR A 208 17.11 11.58 -3.02
N TRP A 209 15.82 11.57 -2.71
CA TRP A 209 15.24 12.49 -1.75
C TRP A 209 15.46 12.06 -0.33
N ILE A 210 15.84 13.04 0.49
CA ILE A 210 15.91 12.96 1.93
C ILE A 210 14.88 13.98 2.49
N ILE A 211 13.68 13.52 2.88
CA ILE A 211 12.58 14.34 3.43
C ILE A 211 12.68 14.26 4.92
N CYS A 212 12.94 15.41 5.57
CA CYS A 212 13.01 15.46 6.99
C CYS A 212 11.62 15.23 7.57
N LYS A 213 11.63 14.50 8.68
CA LYS A 213 10.48 14.21 9.48
C LYS A 213 9.96 15.43 10.28
N GLU A 214 10.88 16.20 10.90
CA GLU A 214 10.56 17.43 11.55
C GLU A 214 10.42 18.60 10.57
N SER A 215 9.42 19.46 10.84
CA SER A 215 9.14 20.62 10.00
C SER A 215 9.99 21.77 10.53
N ILE A 216 10.07 22.86 9.75
CA ILE A 216 10.61 24.10 10.32
C ILE A 216 9.51 25.12 10.20
N SER A 217 9.53 26.08 11.12
CA SER A 217 8.61 27.23 11.10
C SER A 217 8.81 28.20 9.93
N VAL A 218 7.75 28.91 9.59
CA VAL A 218 7.79 30.12 8.74
C VAL A 218 6.58 30.92 9.17
N SER A 219 6.59 32.25 9.00
CA SER A 219 5.38 33.04 9.33
C SER A 219 4.63 33.35 8.06
N SER A 220 3.34 33.59 8.18
CA SER A 220 2.46 33.99 7.07
C SER A 220 3.06 35.20 6.29
N GLU A 221 3.78 36.07 7.00
CA GLU A 221 4.32 37.29 6.38
C GLU A 221 5.72 37.04 5.73
N GLN A 222 6.51 36.12 6.30
CA GLN A 222 7.65 35.56 5.57
C GLN A 222 7.32 34.96 4.19
N LEU A 223 6.26 34.13 4.16
CA LEU A 223 5.73 33.55 2.94
C LEU A 223 5.33 34.65 2.00
N ALA A 224 4.72 35.72 2.53
CA ALA A 224 4.30 36.89 1.73
C ALA A 224 5.45 37.55 0.99
N GLN A 225 6.64 37.64 1.61
CA GLN A 225 7.82 38.10 0.94
C GLN A 225 8.11 37.29 -0.34
N PHE A 226 8.05 35.94 -0.27
CA PHE A 226 8.33 35.05 -1.41
C PHE A 226 7.41 35.39 -2.55
N ARG A 227 6.14 35.56 -2.24
CA ARG A 227 5.15 35.78 -3.31
C ARG A 227 5.20 37.22 -3.82
N SER A 228 5.96 38.08 -3.17
CA SER A 228 6.21 39.47 -3.59
C SER A 228 7.32 39.59 -4.62
N LEU A 229 8.05 38.48 -4.81
CA LEU A 229 9.09 38.43 -5.85
C LEU A 229 8.38 38.47 -7.22
N LEU A 230 9.06 38.95 -8.24
CA LEU A 230 8.39 39.05 -9.52
C LEU A 230 9.02 38.21 -10.62
N SER A 231 8.17 37.59 -11.42
CA SER A 231 8.56 36.73 -12.52
C SER A 231 8.84 37.47 -13.85
N ASN A 232 8.38 38.72 -13.95
CA ASN A 232 8.66 39.62 -15.07
C ASN A 232 10.05 40.22 -14.90
N VAL A 233 10.55 40.77 -16.02
CA VAL A 233 11.80 41.54 -16.00
C VAL A 233 11.47 42.99 -15.68
N GLU A 234 12.47 43.69 -15.15
CA GLU A 234 12.32 45.08 -14.86
C GLU A 234 11.64 45.81 -16.03
N GLY A 235 10.64 46.61 -15.70
CA GLY A 235 10.07 47.53 -16.68
C GLY A 235 8.72 47.03 -17.15
N ASP A 236 8.56 45.69 -17.32
CA ASP A 236 7.28 45.02 -17.69
C ASP A 236 6.30 45.12 -16.55
N ASN A 237 4.99 44.83 -16.75
CA ASN A 237 4.06 44.99 -15.61
C ASN A 237 4.49 43.94 -14.63
N ALA A 238 4.15 44.15 -13.37
CA ALA A 238 4.48 43.23 -12.29
C ALA A 238 3.71 41.93 -12.45
N VAL A 239 4.38 40.81 -12.21
CA VAL A 239 3.71 39.51 -12.17
C VAL A 239 4.31 38.71 -10.98
N PRO A 240 3.69 38.86 -9.80
CA PRO A 240 4.17 38.29 -8.59
C PRO A 240 4.34 36.78 -8.76
N MET A 241 5.27 36.24 -8.01
CA MET A 241 5.50 34.80 -8.05
C MET A 241 4.58 34.20 -7.02
N GLN A 242 3.32 34.03 -7.38
CA GLN A 242 2.28 33.54 -6.47
C GLN A 242 2.58 32.15 -5.87
N HIS A 243 3.13 31.25 -6.71
CA HIS A 243 3.35 29.82 -6.40
C HIS A 243 4.25 29.08 -7.41
N ASN A 244 4.87 27.99 -6.97
CA ASN A 244 5.88 27.30 -7.74
C ASN A 244 6.02 25.82 -7.28
N ASN A 245 4.95 25.31 -6.66
CA ASN A 245 4.87 23.93 -6.19
C ASN A 245 4.13 23.00 -7.18
N ARG A 246 4.58 21.78 -7.26
CA ARG A 246 4.00 20.86 -8.20
C ARG A 246 3.13 19.87 -7.36
N PRO A 247 1.93 19.48 -7.89
CA PRO A 247 1.12 18.36 -7.28
C PRO A 247 1.94 17.10 -7.03
N THR A 248 1.61 16.33 -5.98
CA THR A 248 2.22 15.01 -5.76
C THR A 248 1.93 14.06 -6.92
N GLN A 249 2.81 13.05 -7.07
CA GLN A 249 2.86 12.18 -8.26
C GLN A 249 2.68 10.74 -7.80
N PRO A 250 2.20 9.81 -8.69
CA PRO A 250 2.09 8.39 -8.32
C PRO A 250 3.44 7.71 -7.94
N LEU A 251 3.46 7.04 -6.79
CA LEU A 251 4.62 6.29 -6.38
C LEU A 251 5.10 5.25 -7.45
N LYS A 252 4.19 4.83 -8.30
CA LYS A 252 4.50 3.87 -9.39
C LYS A 252 5.31 2.66 -8.88
N GLY A 253 4.99 2.21 -7.68
CA GLY A 253 5.64 1.02 -7.21
C GLY A 253 6.80 1.26 -6.27
N ARG A 254 7.24 2.52 -6.11
CA ARG A 254 8.46 2.70 -5.28
C ARG A 254 8.10 2.59 -3.80
N THR A 255 9.13 2.42 -3.01
CA THR A 255 9.00 2.29 -1.58
C THR A 255 9.73 3.43 -0.94
N VAL A 256 9.00 4.14 -0.10
CA VAL A 256 9.53 5.15 0.80
C VAL A 256 10.05 4.52 2.08
N ARG A 257 11.33 4.69 2.30
CA ARG A 257 11.95 4.15 3.50
C ARG A 257 12.02 5.17 4.64
N ALA A 258 11.77 4.70 5.86
CA ALA A 258 11.94 5.51 7.03
C ALA A 258 13.27 5.26 7.75
N SER A 259 13.99 6.31 8.10
CA SER A 259 15.23 6.18 8.89
C SER A 259 15.00 5.91 10.40
N PHE A 260 13.74 5.91 10.79
CA PHE A 260 13.28 5.89 12.19
C PHE A 260 12.02 5.04 12.24
N TRP B 5 -20.90 -16.31 -14.16
CA TRP B 5 -21.43 -17.06 -12.97
C TRP B 5 -21.45 -16.16 -11.75
N GLY B 6 -22.53 -16.30 -10.97
CA GLY B 6 -22.64 -15.60 -9.68
C GLY B 6 -23.61 -16.34 -8.81
N TYR B 7 -24.39 -15.61 -8.01
CA TYR B 7 -25.34 -16.22 -7.08
C TYR B 7 -26.73 -15.73 -7.32
N ASP B 8 -26.87 -14.89 -8.35
CA ASP B 8 -28.17 -14.32 -8.64
C ASP B 8 -29.07 -15.36 -9.37
N ASP B 9 -30.35 -15.05 -9.54
CA ASP B 9 -31.26 -15.90 -10.36
C ASP B 9 -30.78 -16.21 -11.80
N LYS B 10 -30.17 -15.25 -12.47
CA LYS B 10 -29.71 -15.45 -13.85
C LYS B 10 -28.43 -16.34 -13.95
N ASN B 11 -27.43 -16.11 -13.08
CA ASN B 11 -26.16 -16.85 -13.12
C ASN B 11 -25.76 -17.73 -11.88
N GLY B 12 -26.75 -18.18 -11.09
CA GLY B 12 -26.54 -18.76 -9.75
C GLY B 12 -26.50 -20.28 -9.72
N PRO B 13 -26.30 -20.89 -8.53
CA PRO B 13 -26.04 -22.36 -8.42
C PRO B 13 -26.95 -23.29 -9.21
N GLU B 14 -28.21 -22.89 -9.35
CA GLU B 14 -29.20 -23.81 -9.93
C GLU B 14 -28.91 -23.97 -11.44
N GLN B 15 -28.16 -23.04 -12.00
CA GLN B 15 -27.89 -23.12 -13.43
C GLN B 15 -26.35 -23.16 -13.79
N TRP B 16 -25.52 -23.40 -12.79
CA TRP B 16 -24.08 -23.48 -12.95
C TRP B 16 -23.64 -24.68 -13.82
N SER B 17 -24.42 -25.76 -13.75
CA SER B 17 -24.19 -26.97 -14.59
C SER B 17 -23.88 -26.67 -16.10
N LYS B 18 -24.48 -25.61 -16.63
CA LYS B 18 -24.36 -25.24 -18.05
C LYS B 18 -22.92 -24.98 -18.48
N LEU B 19 -22.21 -24.15 -17.71
CA LEU B 19 -20.80 -23.81 -18.04
C LEU B 19 -19.86 -24.75 -17.32
N TYR B 20 -20.30 -25.32 -16.21
CA TYR B 20 -19.43 -26.22 -15.42
C TYR B 20 -20.25 -27.42 -15.14
N PRO B 21 -20.30 -28.37 -16.09
CA PRO B 21 -21.09 -29.62 -15.92
C PRO B 21 -20.79 -30.43 -14.64
N ILE B 22 -19.58 -30.26 -14.09
CA ILE B 22 -19.18 -31.05 -12.93
C ILE B 22 -20.12 -30.67 -11.75
N ALA B 23 -20.84 -29.56 -11.90
CA ALA B 23 -21.84 -29.12 -10.94
C ALA B 23 -22.84 -30.23 -10.55
N ASN B 24 -23.04 -31.18 -11.47
CA ASN B 24 -23.91 -32.33 -11.23
C ASN B 24 -23.11 -33.61 -10.98
N GLY B 25 -21.86 -33.45 -10.50
CA GLY B 25 -20.90 -34.57 -10.33
C GLY B 25 -21.22 -35.48 -9.16
N ASN B 26 -20.32 -36.41 -8.88
CA ASN B 26 -20.41 -37.37 -7.78
C ASN B 26 -19.72 -37.00 -6.45
N ASN B 27 -18.99 -35.90 -6.46
CA ASN B 27 -18.22 -35.44 -5.29
C ASN B 27 -18.37 -33.93 -5.06
N GLN B 28 -19.59 -33.44 -5.24
CA GLN B 28 -19.87 -32.01 -5.08
C GLN B 28 -20.06 -31.58 -3.63
N SER B 29 -19.73 -30.33 -3.35
CA SER B 29 -19.91 -29.76 -2.01
C SER B 29 -20.74 -28.44 -2.10
N PRO B 30 -21.40 -28.03 -0.98
CA PRO B 30 -21.43 -28.71 0.32
C PRO B 30 -22.42 -29.85 0.37
N VAL B 31 -22.45 -30.48 1.53
CA VAL B 31 -23.37 -31.54 1.78
C VAL B 31 -23.90 -31.43 3.21
N ASP B 32 -25.00 -32.15 3.47
CA ASP B 32 -25.49 -32.28 4.84
C ASP B 32 -24.64 -33.30 5.54
N ILE B 33 -24.26 -33.01 6.78
CA ILE B 33 -23.70 -34.10 7.64
C ILE B 33 -24.73 -34.70 8.58
N LYS B 34 -25.06 -35.96 8.32
CA LYS B 34 -26.06 -36.71 9.08
C LYS B 34 -25.30 -37.58 10.02
N THR B 35 -25.23 -37.16 11.27
CA THR B 35 -24.35 -37.72 12.31
C THR B 35 -24.60 -39.16 12.75
N SER B 36 -25.78 -39.66 12.43
CA SER B 36 -26.16 -41.03 12.73
C SER B 36 -25.61 -41.96 11.64
N GLU B 37 -25.07 -41.33 10.60
CA GLU B 37 -24.48 -42.06 9.48
C GLU B 37 -22.96 -41.84 9.35
N THR B 38 -22.39 -41.01 10.21
CA THR B 38 -20.96 -40.78 10.13
C THR B 38 -20.31 -42.09 10.57
N LYS B 39 -19.15 -42.41 10.04
CA LYS B 39 -18.37 -43.59 10.52
C LYS B 39 -17.04 -43.13 11.15
N HIS B 40 -16.67 -43.73 12.28
CA HIS B 40 -15.35 -43.52 12.86
C HIS B 40 -14.20 -44.38 12.26
N ASP B 41 -13.21 -43.73 11.63
CA ASP B 41 -12.07 -44.40 11.10
C ASP B 41 -10.94 -44.07 12.08
N THR B 42 -10.34 -45.13 12.64
CA THR B 42 -9.30 -45.04 13.62
C THR B 42 -7.92 -44.53 13.06
N SER B 43 -7.79 -44.51 11.74
CA SER B 43 -6.57 -44.10 11.06
C SER B 43 -6.42 -42.57 10.95
N LEU B 44 -7.40 -41.82 11.38
CA LEU B 44 -7.40 -40.35 11.33
C LEU B 44 -6.72 -39.76 12.56
N LYS B 45 -5.63 -39.06 12.32
CA LYS B 45 -4.89 -38.39 13.37
C LYS B 45 -5.55 -37.05 13.73
N PRO B 46 -5.18 -36.44 14.86
CA PRO B 46 -5.75 -35.12 15.00
C PRO B 46 -5.21 -34.19 13.89
N ILE B 47 -5.91 -33.08 13.65
CA ILE B 47 -5.48 -32.02 12.73
C ILE B 47 -4.46 -31.18 13.47
N SER B 48 -3.37 -30.85 12.81
CA SER B 48 -2.43 -29.90 13.37
C SER B 48 -2.30 -28.69 12.44
N VAL B 49 -2.50 -27.50 12.97
CA VAL B 49 -2.25 -26.33 12.14
C VAL B 49 -1.14 -25.43 12.79
N SER B 50 -0.02 -25.26 12.11
CA SER B 50 0.96 -24.22 12.54
C SER B 50 1.16 -23.21 11.43
N TYR B 51 0.52 -22.08 11.61
CA TYR B 51 0.48 -21.09 10.59
C TYR B 51 1.48 -19.98 10.92
N ASN B 52 2.53 -19.84 10.13
CA ASN B 52 3.33 -18.65 10.30
C ASN B 52 2.50 -17.38 10.10
N PRO B 53 2.35 -16.55 11.17
CA PRO B 53 1.60 -15.34 10.85
C PRO B 53 2.33 -14.35 9.90
N ALA B 54 3.57 -14.66 9.52
CA ALA B 54 4.29 -13.86 8.50
C ALA B 54 3.90 -14.22 7.06
N THR B 55 3.17 -15.32 6.88
CA THR B 55 2.71 -15.63 5.54
C THR B 55 1.47 -14.85 5.13
N ALA B 56 0.82 -14.17 6.08
CA ALA B 56 -0.27 -13.32 5.70
C ALA B 56 0.19 -12.32 4.61
N LYS B 57 -0.61 -12.17 3.54
CA LYS B 57 -0.22 -11.33 2.39
C LYS B 57 -1.17 -10.16 1.99
N GLU B 58 -2.44 -10.43 1.68
CA GLU B 58 -3.27 -9.48 0.94
C GLU B 58 -4.74 -9.84 1.10
N ILE B 59 -5.61 -8.86 1.23
CA ILE B 59 -7.04 -9.09 1.17
C ILE B 59 -7.54 -8.51 -0.16
N ILE B 60 -8.50 -9.19 -0.81
CA ILE B 60 -9.04 -8.82 -2.11
C ILE B 60 -10.55 -9.07 -2.20
N ASN B 61 -11.31 -8.14 -2.81
CA ASN B 61 -12.73 -8.30 -3.17
C ASN B 61 -12.77 -9.03 -4.53
N VAL B 62 -13.42 -10.21 -4.58
CA VAL B 62 -13.43 -11.01 -5.80
C VAL B 62 -14.80 -10.91 -6.46
N GLY B 63 -15.52 -9.85 -6.14
CA GLY B 63 -16.83 -9.58 -6.76
C GLY B 63 -17.91 -10.39 -6.08
N HIS B 64 -17.68 -11.69 -5.86
CA HIS B 64 -18.71 -12.53 -5.19
C HIS B 64 -18.44 -12.81 -3.71
N SER B 65 -17.22 -12.54 -3.29
CA SER B 65 -16.75 -12.75 -1.91
C SER B 65 -15.53 -11.88 -1.73
N PHE B 66 -14.80 -12.07 -0.63
CA PHE B 66 -13.44 -11.47 -0.54
C PHE B 66 -12.54 -12.59 -0.07
N HIS B 67 -11.26 -12.54 -0.43
CA HIS B 67 -10.29 -13.58 -0.01
C HIS B 67 -9.16 -12.88 0.80
N VAL B 68 -8.70 -13.53 1.87
CA VAL B 68 -7.42 -13.20 2.53
C VAL B 68 -6.40 -14.25 2.10
N ASN B 69 -5.47 -13.81 1.26
CA ASN B 69 -4.44 -14.65 0.65
C ASN B 69 -3.10 -14.68 1.39
N PHE B 70 -2.46 -15.85 1.38
CA PHE B 70 -1.10 -16.04 2.03
C PHE B 70 0.03 -16.30 1.05
N GLU B 71 1.26 -15.97 1.45
CA GLU B 71 2.43 -16.32 0.65
C GLU B 71 2.57 -17.85 0.68
N ASP B 72 2.60 -18.47 -0.50
CA ASP B 72 2.58 -19.93 -0.57
C ASP B 72 3.77 -20.56 -1.32
N ASN B 73 4.87 -19.81 -1.37
CA ASN B 73 6.16 -20.30 -1.90
C ASN B 73 6.86 -21.29 -0.93
N ASP B 74 6.30 -21.41 0.27
CA ASP B 74 6.83 -22.22 1.37
C ASP B 74 5.81 -23.10 2.03
N ASN B 75 6.31 -24.05 2.81
CA ASN B 75 5.56 -24.68 3.89
C ASN B 75 5.81 -23.99 5.24
N ARG B 76 6.08 -22.69 5.27
CA ARG B 76 5.97 -21.98 6.59
C ARG B 76 4.64 -22.19 7.36
N SER B 77 3.53 -22.31 6.59
CA SER B 77 2.18 -22.46 7.11
C SER B 77 1.56 -23.68 6.49
N VAL B 78 1.46 -24.72 7.31
CA VAL B 78 0.91 -25.99 6.87
C VAL B 78 -0.18 -26.55 7.80
N LEU B 79 -1.01 -27.37 7.15
CA LEU B 79 -1.95 -28.31 7.74
C LEU B 79 -1.38 -29.71 7.58
N LYS B 80 -1.48 -30.47 8.64
CA LYS B 80 -0.98 -31.85 8.71
C LYS B 80 -2.01 -32.66 9.53
N GLY B 81 -1.92 -33.97 9.45
CA GLY B 81 -2.64 -34.89 10.35
C GLY B 81 -3.98 -35.16 9.76
N GLY B 82 -4.98 -35.46 10.61
CA GLY B 82 -6.27 -35.98 10.08
C GLY B 82 -6.18 -37.15 9.10
N PRO B 83 -6.85 -37.01 7.94
CA PRO B 83 -6.76 -38.05 6.88
C PRO B 83 -5.52 -37.92 5.99
N PHE B 84 -4.63 -36.97 6.27
CA PHE B 84 -3.46 -36.75 5.35
C PHE B 84 -2.17 -37.40 5.85
N SER B 85 -1.35 -37.85 4.90
CA SER B 85 0.01 -38.24 5.23
C SER B 85 0.99 -37.10 4.84
N ASP B 86 0.55 -36.26 3.91
CA ASP B 86 1.36 -35.22 3.32
C ASP B 86 0.87 -33.95 3.90
N SER B 87 1.75 -32.95 4.13
CA SER B 87 1.27 -31.63 4.46
C SER B 87 0.81 -30.72 3.31
N TYR B 88 -0.14 -29.84 3.67
CA TYR B 88 -0.79 -28.97 2.73
C TYR B 88 -0.43 -27.58 3.16
N ARG B 89 -0.08 -26.76 2.19
CA ARG B 89 0.33 -25.39 2.40
C ARG B 89 -0.92 -24.49 2.36
N LEU B 90 -1.06 -23.68 3.39
CA LEU B 90 -2.11 -22.64 3.46
C LEU B 90 -1.93 -21.55 2.38
N PHE B 91 -3.04 -21.15 1.75
CA PHE B 91 -2.93 -20.03 0.79
C PHE B 91 -4.07 -19.01 0.96
N GLN B 92 -5.06 -19.38 1.73
CA GLN B 92 -6.25 -18.55 1.77
C GLN B 92 -7.24 -18.94 2.81
N PHE B 93 -7.99 -17.93 3.28
CA PHE B 93 -9.23 -18.19 3.98
C PHE B 93 -10.27 -17.22 3.45
N HIS B 94 -11.53 -17.61 3.57
CA HIS B 94 -12.60 -16.71 3.18
C HIS B 94 -13.84 -17.19 3.87
N PHE B 95 -14.95 -16.46 3.67
CA PHE B 95 -16.25 -16.78 4.28
C PHE B 95 -17.34 -16.99 3.23
N HIS B 96 -18.39 -17.70 3.64
CA HIS B 96 -19.70 -17.65 2.94
C HIS B 96 -20.76 -17.24 3.94
N TRP B 97 -21.72 -16.48 3.43
CA TRP B 97 -22.83 -15.96 4.17
C TRP B 97 -24.06 -15.95 3.25
N GLY B 98 -25.23 -15.70 3.84
CA GLY B 98 -26.52 -15.90 3.09
C GLY B 98 -27.33 -14.61 3.21
N SER B 99 -28.48 -14.46 2.54
CA SER B 99 -29.18 -13.13 2.52
C SER B 99 -29.90 -12.73 3.84
N THR B 100 -30.25 -13.75 4.63
CA THR B 100 -30.71 -13.64 6.01
C THR B 100 -29.73 -14.34 6.96
N ASN B 101 -29.71 -13.90 8.20
CA ASN B 101 -28.73 -14.47 9.10
C ASN B 101 -29.06 -15.86 9.68
N GLU B 102 -30.15 -16.43 9.14
CA GLU B 102 -30.64 -17.81 9.38
C GLU B 102 -30.16 -18.85 8.35
N HIS B 103 -29.90 -18.41 7.14
CA HIS B 103 -29.49 -19.34 6.11
C HIS B 103 -28.16 -18.92 5.42
N GLY B 104 -27.03 -19.02 6.11
CA GLY B 104 -25.80 -18.53 5.50
C GLY B 104 -24.63 -19.49 5.31
N SER B 105 -24.68 -20.63 6.01
CA SER B 105 -23.64 -21.62 5.88
C SER B 105 -23.85 -22.40 4.59
N GLU B 106 -22.84 -23.18 4.24
CA GLU B 106 -22.89 -24.07 3.13
C GLU B 106 -23.21 -25.50 3.57
N HIS B 107 -22.34 -26.04 4.44
CA HIS B 107 -22.55 -27.34 5.07
C HIS B 107 -23.66 -27.19 6.17
N THR B 108 -24.41 -28.27 6.37
CA THR B 108 -25.49 -28.28 7.33
C THR B 108 -25.14 -29.52 8.11
N VAL B 109 -25.60 -29.55 9.37
CA VAL B 109 -25.36 -30.68 10.25
C VAL B 109 -26.73 -31.11 10.77
N ASP B 110 -27.04 -32.37 10.48
CA ASP B 110 -28.41 -32.92 10.62
C ASP B 110 -29.45 -31.93 10.17
N GLY B 111 -29.18 -31.26 9.05
CA GLY B 111 -30.14 -30.36 8.45
C GLY B 111 -30.06 -28.95 8.96
N VAL B 112 -29.44 -28.73 10.12
CA VAL B 112 -29.42 -27.38 10.71
C VAL B 112 -28.53 -26.53 9.83
N LYS B 113 -29.05 -25.39 9.45
CA LYS B 113 -28.35 -24.45 8.60
C LYS B 113 -27.85 -23.36 9.55
N TYR B 114 -26.54 -23.12 9.60
CA TYR B 114 -25.92 -22.07 10.42
C TYR B 114 -25.89 -20.70 9.72
N SER B 115 -25.30 -19.67 10.33
CA SER B 115 -25.32 -18.27 9.77
C SER B 115 -24.35 -17.92 8.65
N ALA B 116 -23.18 -18.56 8.71
CA ALA B 116 -22.11 -18.33 7.77
C ALA B 116 -21.18 -19.48 7.91
N GLU B 117 -20.12 -19.43 7.12
CA GLU B 117 -19.14 -20.48 7.13
C GLU B 117 -17.78 -19.94 6.82
N LEU B 118 -16.74 -20.35 7.57
CA LEU B 118 -15.37 -19.96 7.28
C LEU B 118 -14.68 -21.16 6.57
N HIS B 119 -14.00 -20.86 5.45
CA HIS B 119 -13.12 -21.81 4.73
C HIS B 119 -11.66 -21.43 4.80
N VAL B 120 -10.87 -22.35 5.35
CA VAL B 120 -9.45 -22.22 5.36
C VAL B 120 -8.80 -23.22 4.39
N ALA B 121 -8.10 -22.69 3.41
CA ALA B 121 -7.74 -23.51 2.24
C ALA B 121 -6.28 -23.72 2.05
N HIS B 122 -5.94 -24.99 1.76
CA HIS B 122 -4.54 -25.51 1.68
C HIS B 122 -4.32 -26.33 0.42
N TRP B 123 -3.12 -26.26 -0.16
CA TRP B 123 -2.83 -27.15 -1.31
C TRP B 123 -1.65 -28.17 -1.10
N ASN B 124 -1.66 -29.23 -1.91
CA ASN B 124 -0.70 -30.33 -1.71
C ASN B 124 0.67 -29.93 -2.21
N SER B 125 1.51 -29.45 -1.30
CA SER B 125 2.83 -29.10 -1.77
C SER B 125 3.78 -30.33 -1.52
N ALA B 126 3.20 -31.51 -1.36
CA ALA B 126 4.00 -32.72 -1.32
C ALA B 126 3.98 -33.30 -2.70
N LYS B 127 2.80 -33.46 -3.28
CA LYS B 127 2.59 -34.04 -4.62
C LYS B 127 2.91 -33.07 -5.75
N TYR B 128 2.90 -31.79 -5.41
CA TYR B 128 2.82 -30.74 -6.40
C TYR B 128 3.66 -29.52 -6.10
N SER B 129 3.65 -28.64 -7.09
CA SER B 129 4.55 -27.48 -7.17
C SER B 129 3.78 -26.18 -7.09
N SER B 130 2.56 -26.18 -7.62
CA SER B 130 1.72 -25.00 -7.41
C SER B 130 0.24 -25.24 -7.08
N LEU B 131 -0.41 -24.16 -6.62
CA LEU B 131 -1.84 -24.11 -6.45
C LEU B 131 -2.54 -24.41 -7.74
N ALA B 132 -2.21 -23.63 -8.78
CA ALA B 132 -2.73 -23.81 -10.13
C ALA B 132 -2.69 -25.29 -10.58
N GLU B 133 -1.59 -25.97 -10.29
CA GLU B 133 -1.41 -27.43 -10.52
C GLU B 133 -2.28 -28.24 -9.56
N ALA B 134 -2.19 -27.96 -8.24
CA ALA B 134 -2.99 -28.68 -7.23
C ALA B 134 -4.51 -28.59 -7.47
N ALA B 135 -5.03 -27.37 -7.70
CA ALA B 135 -6.50 -27.11 -7.77
C ALA B 135 -7.38 -28.15 -8.49
N SER B 136 -6.84 -28.86 -9.49
CA SER B 136 -7.70 -29.77 -10.26
C SER B 136 -7.58 -31.26 -9.90
N LYS B 137 -6.77 -31.58 -8.89
CA LYS B 137 -6.39 -32.98 -8.58
C LYS B 137 -7.11 -33.55 -7.34
N ALA B 138 -7.80 -34.70 -7.49
CA ALA B 138 -8.55 -35.35 -6.37
C ALA B 138 -7.95 -35.07 -4.98
N ASP B 139 -6.62 -35.16 -4.89
CA ASP B 139 -5.87 -34.96 -3.67
C ASP B 139 -5.11 -33.62 -3.67
N GLY B 140 -5.55 -32.65 -4.47
CA GLY B 140 -4.92 -31.30 -4.51
C GLY B 140 -5.13 -30.29 -3.36
N LEU B 141 -6.38 -30.16 -2.91
CA LEU B 141 -6.79 -29.20 -1.88
C LEU B 141 -7.29 -29.87 -0.58
N ALA B 142 -7.15 -29.12 0.48
CA ALA B 142 -7.66 -29.47 1.79
C ALA B 142 -8.24 -28.21 2.33
N VAL B 143 -9.52 -28.27 2.72
CA VAL B 143 -10.20 -27.11 3.29
C VAL B 143 -10.89 -27.40 4.65
N ILE B 144 -10.49 -26.64 5.65
CA ILE B 144 -11.14 -26.71 6.94
C ILE B 144 -12.45 -25.89 6.79
N GLY B 145 -13.60 -26.44 7.13
CA GLY B 145 -14.88 -25.66 7.14
C GLY B 145 -15.32 -25.49 8.59
N VAL B 146 -15.68 -24.26 8.99
CA VAL B 146 -16.10 -23.97 10.34
C VAL B 146 -17.46 -23.27 10.26
N LEU B 147 -18.44 -23.83 10.96
CA LEU B 147 -19.81 -23.35 10.95
C LEU B 147 -19.90 -22.19 11.91
N MET B 148 -20.55 -21.09 11.49
CA MET B 148 -20.60 -19.85 12.27
C MET B 148 -22.00 -19.56 12.70
N LYS B 149 -22.20 -19.46 14.01
CA LYS B 149 -23.57 -19.39 14.53
C LYS B 149 -23.88 -17.95 15.04
N VAL B 150 -24.94 -17.36 14.53
CA VAL B 150 -25.28 -15.97 14.93
C VAL B 150 -25.60 -15.86 16.45
N GLY B 151 -24.89 -14.94 17.11
CA GLY B 151 -25.12 -14.63 18.52
C GLY B 151 -24.27 -13.42 18.81
N GLU B 152 -23.30 -13.59 19.70
CA GLU B 152 -22.51 -12.42 20.12
C GLU B 152 -21.43 -12.16 19.14
N ALA B 153 -20.98 -10.90 19.07
CA ALA B 153 -19.85 -10.55 18.24
C ALA B 153 -18.61 -11.40 18.55
N ASN B 154 -17.92 -11.81 17.47
CA ASN B 154 -16.67 -12.54 17.55
C ASN B 154 -15.47 -11.59 17.45
N PRO B 155 -14.79 -11.31 18.58
CA PRO B 155 -13.76 -10.28 18.47
C PRO B 155 -12.65 -10.70 17.56
N LYS B 156 -12.45 -12.02 17.38
CA LYS B 156 -11.37 -12.54 16.54
C LYS B 156 -11.62 -12.24 15.06
N LEU B 157 -12.86 -11.84 14.74
CA LEU B 157 -13.20 -11.40 13.39
C LEU B 157 -12.78 -9.95 13.08
N GLN B 158 -12.81 -9.07 14.10
CA GLN B 158 -12.34 -7.66 14.01
C GLN B 158 -11.24 -7.17 13.01
N LYS B 159 -10.00 -7.69 13.02
CA LYS B 159 -8.99 -7.25 12.00
C LYS B 159 -9.37 -7.53 10.53
N VAL B 160 -9.95 -8.71 10.28
CA VAL B 160 -10.68 -8.95 9.00
C VAL B 160 -11.76 -7.90 8.66
N LEU B 161 -12.70 -7.70 9.56
CA LEU B 161 -13.81 -6.79 9.31
C LEU B 161 -13.33 -5.33 9.20
N ASP B 162 -12.29 -4.97 9.97
CA ASP B 162 -11.71 -3.62 9.85
C ASP B 162 -10.93 -3.40 8.55
N ALA B 163 -10.62 -4.49 7.84
CA ALA B 163 -9.96 -4.40 6.53
C ALA B 163 -10.95 -4.03 5.41
N LEU B 164 -12.22 -4.35 5.60
CA LEU B 164 -13.18 -4.33 4.50
C LEU B 164 -13.39 -2.91 3.88
N GLN B 165 -13.21 -1.85 4.68
CA GLN B 165 -13.30 -0.48 4.13
C GLN B 165 -12.33 -0.27 2.99
N ALA B 166 -11.25 -1.07 2.94
CA ALA B 166 -10.18 -0.77 1.98
C ALA B 166 -10.40 -1.52 0.67
N ILE B 167 -11.41 -2.39 0.63
CA ILE B 167 -11.62 -3.23 -0.56
C ILE B 167 -13.11 -3.31 -0.87
N LYS B 168 -13.72 -2.16 -0.93
CA LYS B 168 -15.14 -2.15 -0.95
C LYS B 168 -15.73 -2.64 -2.27
N THR B 169 -15.03 -2.40 -3.40
CA THR B 169 -15.55 -2.75 -4.73
C THR B 169 -14.73 -3.88 -5.40
N LYS B 170 -15.34 -4.60 -6.32
CA LYS B 170 -14.67 -5.68 -7.06
C LYS B 170 -13.33 -5.23 -7.57
N GLY B 171 -12.32 -6.06 -7.28
CA GLY B 171 -11.02 -5.81 -7.85
C GLY B 171 -10.04 -5.12 -6.94
N LYS B 172 -10.54 -4.53 -5.85
CA LYS B 172 -9.66 -3.89 -4.88
C LYS B 172 -9.01 -4.94 -4.00
N ARG B 173 -7.77 -4.63 -3.65
CA ARG B 173 -6.96 -5.40 -2.73
C ARG B 173 -6.12 -4.42 -1.91
N ALA B 174 -5.63 -4.91 -0.78
CA ALA B 174 -4.84 -4.15 0.16
C ALA B 174 -3.94 -5.17 0.88
N PRO B 175 -2.77 -4.71 1.36
CA PRO B 175 -2.01 -5.55 2.27
C PRO B 175 -2.81 -5.97 3.51
N PHE B 176 -2.70 -7.25 3.84
CA PHE B 176 -3.26 -7.78 5.04
C PHE B 176 -2.14 -8.63 5.55
N THR B 177 -1.39 -8.18 6.55
CA THR B 177 -0.13 -8.84 7.03
C THR B 177 -0.21 -9.26 8.51
N ASN B 178 0.71 -10.13 8.89
CA ASN B 178 0.88 -10.53 10.30
C ASN B 178 -0.43 -11.05 10.92
N PHE B 179 -0.87 -12.20 10.42
CA PHE B 179 -2.13 -12.72 10.93
C PHE B 179 -2.13 -14.26 10.85
N ASP B 180 -2.45 -14.90 11.98
CA ASP B 180 -2.51 -16.34 12.11
C ASP B 180 -3.99 -16.73 12.13
N PRO B 181 -4.51 -17.23 10.98
CA PRO B 181 -5.92 -17.53 10.89
C PRO B 181 -6.35 -18.71 11.76
N SER B 182 -5.39 -19.52 12.25
CA SER B 182 -5.76 -20.54 13.24
C SER B 182 -6.45 -19.92 14.44
N THR B 183 -6.24 -18.60 14.65
CA THR B 183 -6.96 -17.85 15.68
C THR B 183 -8.49 -17.85 15.43
N LEU B 184 -8.94 -18.15 14.21
CA LEU B 184 -10.40 -18.11 13.90
C LEU B 184 -11.08 -19.43 14.21
N LEU B 185 -10.30 -20.46 14.39
CA LEU B 185 -10.81 -21.85 14.59
C LEU B 185 -11.46 -22.08 15.99
N PRO B 186 -12.39 -23.08 16.11
CA PRO B 186 -12.92 -23.31 17.43
C PRO B 186 -11.80 -23.88 18.35
N SER B 187 -11.99 -23.90 19.66
CA SER B 187 -10.88 -24.34 20.53
C SER B 187 -10.59 -25.85 20.36
N SER B 188 -11.64 -26.63 20.13
CA SER B 188 -11.44 -28.03 19.77
C SER B 188 -11.51 -28.23 18.27
N LEU B 189 -10.55 -29.00 17.72
CA LEU B 189 -10.55 -29.40 16.27
C LEU B 189 -11.03 -30.81 16.02
N ASP B 190 -12.03 -31.26 16.78
CA ASP B 190 -12.64 -32.48 16.40
C ASP B 190 -13.21 -32.24 15.01
N PHE B 191 -13.26 -33.25 14.15
CA PHE B 191 -13.75 -32.92 12.80
C PHE B 191 -14.44 -34.09 12.11
N TRP B 192 -15.23 -33.76 11.09
CA TRP B 192 -15.68 -34.71 10.08
C TRP B 192 -14.87 -34.51 8.79
N THR B 193 -14.92 -35.50 7.91
CA THR B 193 -14.18 -35.40 6.63
C THR B 193 -14.78 -36.25 5.56
N TYR B 194 -14.80 -35.70 4.37
CA TYR B 194 -15.36 -36.45 3.22
C TYR B 194 -14.63 -35.89 1.98
N PRO B 195 -14.64 -36.64 0.83
CA PRO B 195 -14.16 -36.11 -0.46
C PRO B 195 -15.18 -35.18 -1.15
N GLY B 196 -14.74 -33.98 -1.52
CA GLY B 196 -15.67 -33.04 -2.08
C GLY B 196 -15.06 -32.08 -3.06
N SER B 197 -15.70 -30.93 -3.23
CA SER B 197 -15.32 -30.04 -4.27
C SER B 197 -15.26 -28.63 -3.72
N LEU B 198 -14.64 -27.74 -4.46
CA LEU B 198 -14.95 -26.31 -4.36
C LEU B 198 -16.44 -26.09 -4.41
N THR B 199 -16.92 -25.13 -3.61
CA THR B 199 -18.35 -24.85 -3.57
C THR B 199 -18.86 -23.78 -4.56
N HIS B 200 -18.00 -23.32 -5.46
CA HIS B 200 -18.43 -22.49 -6.55
C HIS B 200 -17.43 -22.72 -7.71
N PRO B 201 -17.74 -22.24 -8.93
CA PRO B 201 -16.91 -22.41 -10.16
C PRO B 201 -15.47 -21.99 -9.91
N PRO B 202 -14.51 -22.83 -10.32
CA PRO B 202 -14.72 -23.96 -11.23
C PRO B 202 -15.27 -25.33 -10.66
N LEU B 203 -15.70 -25.41 -9.38
CA LEU B 203 -16.35 -26.63 -8.85
C LEU B 203 -15.47 -27.87 -8.93
N TYR B 204 -14.17 -27.68 -9.05
CA TYR B 204 -13.28 -28.82 -9.08
C TYR B 204 -13.57 -29.78 -7.94
N GLU B 205 -13.64 -31.08 -8.26
CA GLU B 205 -13.73 -32.12 -7.22
C GLU B 205 -12.38 -32.46 -6.60
N SER B 206 -11.73 -31.46 -6.01
CA SER B 206 -10.33 -31.61 -5.63
C SER B 206 -10.06 -31.40 -4.15
N VAL B 207 -11.11 -31.31 -3.33
CA VAL B 207 -11.05 -30.94 -1.91
C VAL B 207 -11.32 -32.07 -0.93
N THR B 208 -10.39 -32.23 0.03
CA THR B 208 -10.64 -33.11 1.20
C THR B 208 -11.19 -32.13 2.21
N TRP B 209 -12.49 -32.29 2.53
CA TRP B 209 -13.10 -31.39 3.47
C TRP B 209 -12.76 -31.87 4.84
N ILE B 210 -12.50 -30.87 5.67
CA ILE B 210 -12.35 -31.01 7.10
C ILE B 210 -13.38 -30.08 7.80
N ILE B 211 -14.52 -30.64 8.22
CA ILE B 211 -15.61 -29.90 8.87
C ILE B 211 -15.51 -30.01 10.39
N CYS B 212 -15.12 -28.91 11.01
CA CYS B 212 -15.16 -28.82 12.47
C CYS B 212 -16.52 -29.17 13.08
N LYS B 213 -16.48 -30.07 14.07
CA LYS B 213 -17.66 -30.41 14.90
C LYS B 213 -18.15 -29.19 15.70
N GLU B 214 -17.25 -28.27 15.98
CA GLU B 214 -17.52 -27.14 16.85
C GLU B 214 -17.70 -25.85 16.06
N SER B 215 -18.75 -25.11 16.35
CA SER B 215 -19.06 -23.86 15.60
C SER B 215 -18.30 -22.73 16.29
N ILE B 216 -18.33 -21.58 15.62
CA ILE B 216 -17.84 -20.35 16.22
C ILE B 216 -18.93 -19.29 16.11
N SER B 217 -18.81 -18.21 16.85
CA SER B 217 -19.85 -17.21 16.77
C SER B 217 -19.56 -16.07 15.81
N VAL B 218 -20.60 -15.28 15.60
CA VAL B 218 -20.57 -14.07 14.77
C VAL B 218 -21.88 -13.40 15.13
N SER B 219 -21.91 -12.10 14.99
CA SER B 219 -23.15 -11.38 15.32
C SER B 219 -23.81 -10.87 14.09
N SER B 220 -25.01 -10.29 14.25
CA SER B 220 -25.78 -9.88 13.06
C SER B 220 -25.10 -8.74 12.35
N GLU B 221 -24.50 -7.84 13.11
CA GLU B 221 -23.91 -6.66 12.53
C GLU B 221 -22.58 -6.99 11.84
N GLN B 222 -21.82 -7.91 12.44
CA GLN B 222 -20.67 -8.49 11.77
C GLN B 222 -21.08 -9.11 10.39
N LEU B 223 -22.17 -9.90 10.33
CA LEU B 223 -22.71 -10.41 9.05
C LEU B 223 -23.10 -9.31 8.05
N ALA B 224 -23.77 -8.28 8.56
CA ALA B 224 -24.06 -7.09 7.78
C ALA B 224 -22.88 -6.44 7.15
N GLN B 225 -21.72 -6.51 7.79
CA GLN B 225 -20.53 -5.94 7.27
C GLN B 225 -20.03 -6.74 6.04
N PHE B 226 -20.17 -8.08 6.03
CA PHE B 226 -19.84 -8.91 4.85
C PHE B 226 -20.76 -8.45 3.77
N ARG B 227 -22.03 -8.26 4.09
CA ARG B 227 -23.07 -7.85 3.08
C ARG B 227 -23.01 -6.42 2.59
N SER B 228 -22.17 -5.60 3.19
CA SER B 228 -21.97 -4.22 2.68
C SER B 228 -20.89 -4.15 1.62
N LEU B 229 -20.07 -5.23 1.50
CA LEU B 229 -19.06 -5.35 0.42
C LEU B 229 -19.76 -5.15 -0.88
N LEU B 230 -19.10 -4.57 -1.87
CA LEU B 230 -19.76 -4.36 -3.16
C LEU B 230 -19.28 -5.26 -4.31
N SER B 231 -20.22 -5.91 -5.01
CA SER B 231 -19.90 -6.83 -6.12
C SER B 231 -19.51 -6.12 -7.45
N ASN B 232 -19.72 -4.79 -7.48
CA ASN B 232 -19.49 -4.01 -8.66
C ASN B 232 -18.16 -3.34 -8.59
N VAL B 233 -17.66 -2.95 -9.77
CA VAL B 233 -16.48 -2.09 -9.84
C VAL B 233 -16.73 -0.63 -9.43
N GLU B 234 -15.68 0.03 -8.99
CA GLU B 234 -15.78 1.40 -8.52
C GLU B 234 -16.48 2.18 -9.60
N GLY B 235 -17.59 2.86 -9.27
CA GLY B 235 -18.17 3.83 -10.20
C GLY B 235 -19.51 3.38 -10.72
N ASP B 236 -19.73 2.06 -10.77
CA ASP B 236 -21.02 1.52 -11.22
C ASP B 236 -21.94 1.63 -10.04
N ASN B 237 -23.26 1.48 -10.21
CA ASN B 237 -24.11 1.65 -9.04
C ASN B 237 -23.73 0.59 -8.03
N ALA B 238 -23.72 0.97 -6.75
CA ALA B 238 -23.29 0.06 -5.64
C ALA B 238 -24.26 -1.11 -5.54
N VAL B 239 -23.75 -2.36 -5.64
CA VAL B 239 -24.52 -3.62 -5.55
C VAL B 239 -23.94 -4.53 -4.41
N PRO B 240 -24.64 -4.64 -3.25
CA PRO B 240 -24.01 -5.32 -2.12
C PRO B 240 -24.03 -6.82 -2.32
N MET B 241 -23.01 -7.50 -1.77
CA MET B 241 -22.91 -8.95 -1.80
C MET B 241 -23.79 -9.53 -0.71
N GLN B 242 -25.07 -9.68 -1.00
CA GLN B 242 -26.00 -10.13 -0.03
C GLN B 242 -25.82 -11.59 0.35
N HIS B 243 -25.27 -12.41 -0.56
CA HIS B 243 -25.08 -13.88 -0.31
C HIS B 243 -24.16 -14.56 -1.29
N ASN B 244 -23.62 -15.70 -0.85
CA ASN B 244 -22.73 -16.46 -1.70
C ASN B 244 -22.65 -17.93 -1.25
N ASN B 245 -23.75 -18.47 -0.74
CA ASN B 245 -23.75 -19.86 -0.34
C ASN B 245 -24.52 -20.78 -1.28
N ARG B 246 -23.97 -21.97 -1.46
CA ARG B 246 -24.50 -22.97 -2.35
C ARG B 246 -25.35 -23.98 -1.56
N PRO B 247 -26.47 -24.47 -2.18
CA PRO B 247 -27.22 -25.56 -1.55
C PRO B 247 -26.43 -26.84 -1.30
N THR B 248 -26.86 -27.67 -0.32
CA THR B 248 -26.25 -28.98 -0.16
C THR B 248 -26.53 -29.84 -1.37
N GLN B 249 -25.62 -30.77 -1.63
CA GLN B 249 -25.57 -31.59 -2.84
C GLN B 249 -25.68 -33.05 -2.49
N PRO B 250 -26.07 -33.90 -3.47
CA PRO B 250 -26.15 -35.35 -3.23
C PRO B 250 -24.83 -36.00 -2.78
N LEU B 251 -24.89 -36.68 -1.63
CA LEU B 251 -23.77 -37.51 -1.19
C LEU B 251 -23.32 -38.53 -2.24
N LYS B 252 -24.22 -38.94 -3.13
CA LYS B 252 -23.88 -39.90 -4.20
C LYS B 252 -23.03 -41.07 -3.68
N GLY B 253 -23.48 -41.75 -2.64
CA GLY B 253 -22.71 -42.89 -2.14
C GLY B 253 -21.49 -42.55 -1.29
N ARG B 254 -21.12 -41.28 -1.12
CA ARG B 254 -19.95 -41.01 -0.27
C ARG B 254 -20.27 -41.21 1.24
N THR B 255 -19.20 -41.50 1.99
CA THR B 255 -19.22 -41.64 3.44
C THR B 255 -18.51 -40.41 4.14
N VAL B 256 -19.16 -39.93 5.21
CA VAL B 256 -18.57 -38.92 6.07
C VAL B 256 -17.87 -39.59 7.27
N ARG B 257 -16.57 -39.44 7.35
CA ARG B 257 -15.83 -39.96 8.51
C ARG B 257 -15.77 -38.98 9.66
N ALA B 258 -15.89 -39.54 10.86
CA ALA B 258 -15.78 -38.81 12.13
C ALA B 258 -14.43 -39.12 12.85
N SER B 259 -13.71 -38.09 13.29
CA SER B 259 -12.55 -38.32 14.12
C SER B 259 -12.92 -38.64 15.60
N PHE B 260 -11.89 -38.92 16.37
CA PHE B 260 -12.13 -39.43 17.71
C PHE B 260 -13.02 -38.53 18.57
#